data_5O4A
#
_entry.id   5O4A
#
_cell.length_a   211.140
_cell.length_b   57.270
_cell.length_c   66.800
_cell.angle_alpha   90.00
_cell.angle_beta   107.57
_cell.angle_gamma   90.00
#
_symmetry.space_group_name_H-M   'C 1 2 1'
#
loop_
_entity.id
_entity.type
_entity.pdbx_description
1 polymer 'Fibroblast growth factor receptor 1'
2 non-polymer 'SULFATE ION'
3 non-polymer GLYCEROL
4 non-polymer '[(2~{R},3~{S},4~{R},5~{R})-5-(6-aminopurin-9-yl)-3,4-bis(oxidanyl)oxolan-2-yl]methyl 4-ethyl-3-fluorosulfonyl-benzoate'
5 water water
#
_entity_poly.entity_id   1
_entity_poly.type   'polypeptide(L)'
_entity_poly.pdbx_seq_one_letter_code
;GAGVSEYELPEDPRWELPRDRLVLGKPLGEGAFGQVVLAEAIGLDKDKPNRVTKVAVKMLKSDATEKDLSDLISEMEMMK
MIGKHKNIINLLGACTQDGPLYVIVEYASKGNLREYLQARRPPGLEYSYNPSHNPEEQLSSKDLVSCAYQVARGMEYLAS
KKCIHRDLAARNVLVTEDNVMKIADFGLARDIHHIDYYKKTTNGRLPVKWMAPEALFDRIYTHQSDVWSFGVLLWEIFTL
GGSPYPGVPVEELFKLLKEGHRMDKPSNCTNELYMMMRDCWHAVPSQRPTFKQLVEDLDRIVALTSNQE
;
_entity_poly.pdbx_strand_id   A,B
#
# COMPACT_ATOMS: atom_id res chain seq x y z
N GLU A 8 21.39 45.20 -14.11
CA GLU A 8 21.91 44.48 -15.27
C GLU A 8 22.85 43.34 -14.92
N LEU A 9 22.96 42.37 -15.82
CA LEU A 9 23.84 41.23 -15.60
C LEU A 9 25.17 41.28 -16.34
N PRO A 10 26.24 40.78 -15.70
CA PRO A 10 27.57 40.77 -16.30
C PRO A 10 27.53 39.75 -17.42
N GLU A 11 28.17 40.06 -18.54
CA GLU A 11 28.17 39.12 -19.65
C GLU A 11 29.16 37.98 -19.44
N ASP A 12 28.82 36.81 -19.96
CA ASP A 12 29.66 35.63 -19.86
C ASP A 12 29.73 35.01 -21.23
N PRO A 13 30.73 35.41 -22.02
CA PRO A 13 30.93 34.93 -23.40
C PRO A 13 31.03 33.42 -23.51
N ARG A 14 31.00 32.72 -22.39
CA ARG A 14 31.09 31.26 -22.42
C ARG A 14 29.76 30.64 -22.81
N TRP A 15 28.67 31.30 -22.42
CA TRP A 15 27.33 30.80 -22.67
C TRP A 15 26.37 31.73 -23.39
N GLU A 16 26.70 33.01 -23.46
CA GLU A 16 25.82 34.00 -24.09
C GLU A 16 25.44 33.69 -25.54
N LEU A 17 24.15 33.77 -25.83
CA LEU A 17 23.64 33.54 -27.18
C LEU A 17 22.80 34.74 -27.60
N PRO A 18 22.96 35.20 -28.84
CA PRO A 18 22.20 36.35 -29.34
C PRO A 18 20.70 36.10 -29.26
N ARG A 19 19.93 37.13 -28.89
CA ARG A 19 18.49 37.03 -28.75
C ARG A 19 17.72 36.72 -30.05
N ASP A 20 18.25 37.14 -31.18
CA ASP A 20 17.59 36.91 -32.45
C ASP A 20 17.87 35.51 -32.98
N ARG A 21 18.57 34.72 -32.20
CA ARG A 21 18.91 33.36 -32.57
C ARG A 21 17.99 32.36 -31.90
N LEU A 22 17.09 32.88 -31.06
CA LEU A 22 16.16 32.05 -30.33
C LEU A 22 14.72 32.32 -30.76
N VAL A 23 14.04 31.30 -31.23
CA VAL A 23 12.66 31.43 -31.66
C VAL A 23 11.72 30.83 -30.62
N LEU A 24 11.11 31.69 -29.81
CA LEU A 24 10.20 31.25 -28.75
C LEU A 24 8.96 30.55 -29.28
N GLY A 25 8.55 29.47 -28.62
CA GLY A 25 7.38 28.73 -29.03
C GLY A 25 6.33 28.60 -27.96
N LYS A 26 5.63 27.46 -27.95
CA LYS A 26 4.56 27.18 -27.00
C LYS A 26 5.08 26.87 -25.60
N PRO A 27 4.32 27.27 -24.58
CA PRO A 27 4.67 27.06 -23.17
C PRO A 27 4.67 25.59 -22.79
N LEU A 28 5.55 25.23 -21.87
CA LEU A 28 5.64 23.86 -21.40
C LEU A 28 5.02 23.72 -20.01
N GLY A 29 4.77 24.85 -19.37
CA GLY A 29 4.17 24.88 -18.05
C GLY A 29 4.58 26.08 -17.21
N GLU A 30 3.74 26.44 -16.25
CA GLU A 30 4.02 27.55 -15.38
C GLU A 30 4.06 27.10 -13.95
N GLY A 31 4.17 28.10 -13.10
CA GLY A 31 4.21 27.93 -11.67
C GLY A 31 4.10 29.30 -11.07
N ALA A 32 4.47 29.39 -9.81
CA ALA A 32 4.44 30.62 -9.03
C ALA A 32 5.79 31.31 -9.03
N PHE A 33 6.83 30.59 -9.45
CA PHE A 33 8.18 31.13 -9.50
C PHE A 33 8.52 31.64 -10.90
N GLY A 34 8.31 30.78 -11.90
CA GLY A 34 8.60 31.14 -13.27
C GLY A 34 7.83 30.29 -14.26
N GLN A 35 8.25 30.31 -15.52
CA GLN A 35 7.60 29.54 -16.57
C GLN A 35 8.61 29.03 -17.58
N VAL A 36 8.31 27.87 -18.18
CA VAL A 36 9.20 27.27 -19.17
C VAL A 36 8.50 27.13 -20.52
N VAL A 37 9.21 27.49 -21.59
CA VAL A 37 8.66 27.42 -22.93
C VAL A 37 9.58 26.70 -23.92
N LEU A 38 8.97 26.02 -24.88
CA LEU A 38 9.72 25.31 -25.91
C LEU A 38 10.20 26.35 -26.92
N ALA A 39 11.35 26.11 -27.52
CA ALA A 39 11.88 27.05 -28.49
C ALA A 39 12.83 26.40 -29.49
N GLU A 40 13.23 27.18 -30.49
CA GLU A 40 14.15 26.72 -31.51
C GLU A 40 15.35 27.67 -31.52
N ALA A 41 16.55 27.11 -31.41
CA ALA A 41 17.76 27.92 -31.40
C ALA A 41 18.54 27.70 -32.68
N ILE A 42 18.92 28.80 -33.33
CA ILE A 42 19.67 28.71 -34.55
C ILE A 42 21.16 28.90 -34.26
N GLY A 43 21.98 28.03 -34.83
CA GLY A 43 23.41 28.12 -34.67
C GLY A 43 23.85 28.04 -33.22
N LEU A 44 23.29 27.08 -32.50
CA LEU A 44 23.65 26.88 -31.11
C LEU A 44 25.13 26.53 -31.10
N ASP A 45 25.50 25.57 -31.92
CA ASP A 45 26.89 25.14 -32.04
C ASP A 45 27.59 26.04 -33.05
N LYS A 46 28.79 26.50 -32.72
CA LYS A 46 29.55 27.38 -33.60
C LYS A 46 29.79 26.77 -34.98
N ASP A 47 30.13 25.48 -35.01
CA ASP A 47 30.37 24.77 -36.25
C ASP A 47 29.17 24.78 -37.19
N LYS A 48 27.97 24.57 -36.64
CA LYS A 48 26.75 24.54 -37.43
C LYS A 48 25.80 25.69 -37.12
N PRO A 49 25.90 26.79 -37.87
CA PRO A 49 25.06 27.97 -37.65
C PRO A 49 23.82 28.01 -38.53
N ASN A 50 23.61 26.99 -39.37
CA ASN A 50 22.44 26.99 -40.25
C ASN A 50 21.47 25.86 -39.95
N ARG A 51 21.53 25.32 -38.73
CA ARG A 51 20.64 24.24 -38.33
C ARG A 51 19.93 24.62 -37.02
N VAL A 52 18.67 24.23 -36.89
CA VAL A 52 17.89 24.54 -35.70
C VAL A 52 17.86 23.41 -34.68
N THR A 53 17.90 23.78 -33.41
CA THR A 53 17.86 22.81 -32.32
C THR A 53 16.75 23.12 -31.33
N LYS A 54 15.91 22.13 -31.04
CA LYS A 54 14.82 22.31 -30.10
C LYS A 54 15.38 22.35 -28.68
N VAL A 55 15.05 23.41 -27.95
CA VAL A 55 15.53 23.58 -26.57
C VAL A 55 14.40 24.03 -25.66
N ALA A 56 14.68 24.04 -24.36
CA ALA A 56 13.72 24.49 -23.37
C ALA A 56 14.26 25.77 -22.75
N VAL A 57 13.41 26.77 -22.60
CA VAL A 57 13.85 28.05 -22.07
C VAL A 57 13.13 28.42 -20.78
N LYS A 58 13.91 28.74 -19.75
CA LYS A 58 13.35 29.13 -18.47
C LYS A 58 13.44 30.64 -18.34
N MET A 59 12.36 31.26 -17.88
CA MET A 59 12.32 32.71 -17.72
C MET A 59 11.47 33.10 -16.52
N LEU A 60 11.55 34.37 -16.14
CA LEU A 60 10.79 34.88 -15.01
C LEU A 60 9.38 35.19 -15.49
N LYS A 61 8.46 35.35 -14.55
CA LYS A 61 7.08 35.66 -14.90
C LYS A 61 6.85 37.16 -14.80
N SER A 62 5.61 37.58 -15.00
CA SER A 62 5.26 39.00 -14.95
C SER A 62 5.56 39.73 -13.65
N ASP A 63 4.80 39.43 -12.61
CA ASP A 63 4.97 40.11 -11.32
C ASP A 63 5.99 39.34 -10.47
N ALA A 64 7.28 39.52 -10.79
CA ALA A 64 8.40 38.73 -10.21
C ALA A 64 9.34 39.61 -9.38
N THR A 65 9.79 39.09 -8.24
CA THR A 65 10.58 39.88 -7.28
C THR A 65 12.07 39.79 -7.64
N GLU A 66 12.88 40.59 -6.96
CA GLU A 66 14.32 40.55 -7.18
C GLU A 66 14.86 39.24 -6.62
N LYS A 67 14.13 38.65 -5.68
CA LYS A 67 14.52 37.38 -5.08
C LYS A 67 14.30 36.28 -6.10
N ASP A 68 13.21 36.40 -6.85
CA ASP A 68 12.88 35.42 -7.88
C ASP A 68 13.99 35.42 -8.92
N LEU A 69 14.42 36.61 -9.31
CA LEU A 69 15.49 36.78 -10.30
C LEU A 69 16.82 36.25 -9.77
N SER A 70 17.09 36.49 -8.49
CA SER A 70 18.34 36.03 -7.90
C SER A 70 18.43 34.51 -7.87
N ASP A 71 17.30 33.87 -7.63
CA ASP A 71 17.25 32.41 -7.58
C ASP A 71 17.52 31.81 -8.95
N LEU A 72 16.97 32.44 -9.98
CA LEU A 72 17.16 31.97 -11.35
C LEU A 72 18.63 32.06 -11.74
N ILE A 73 19.27 33.15 -11.34
CA ILE A 73 20.68 33.35 -11.63
C ILE A 73 21.52 32.31 -10.93
N SER A 74 21.14 32.01 -9.69
CA SER A 74 21.86 31.01 -8.91
C SER A 74 21.78 29.65 -9.56
N GLU A 75 20.59 29.27 -10.02
CA GLU A 75 20.41 28.00 -10.68
C GLU A 75 21.33 27.88 -11.89
N MET A 76 21.36 28.93 -12.71
CA MET A 76 22.20 28.93 -13.89
C MET A 76 23.68 28.82 -13.53
N GLU A 77 24.10 29.53 -12.49
CA GLU A 77 25.50 29.51 -12.06
C GLU A 77 25.92 28.13 -11.58
N MET A 78 25.04 27.48 -10.83
CA MET A 78 25.32 26.14 -10.31
C MET A 78 25.54 25.16 -11.45
N MET A 79 24.72 25.26 -12.49
CA MET A 79 24.82 24.39 -13.65
C MET A 79 26.16 24.56 -14.35
N LYS A 80 26.64 25.80 -14.40
CA LYS A 80 27.91 26.09 -15.03
C LYS A 80 29.05 25.33 -14.35
N MET A 81 29.09 25.37 -13.02
CA MET A 81 30.12 24.71 -12.26
C MET A 81 30.02 23.19 -12.28
N ILE A 82 28.80 22.66 -12.18
CA ILE A 82 28.57 21.23 -12.15
C ILE A 82 29.13 20.44 -13.34
N GLY A 83 29.04 21.00 -14.53
CA GLY A 83 29.56 20.32 -15.70
C GLY A 83 28.55 19.45 -16.45
N LYS A 84 29.00 18.87 -17.57
CA LYS A 84 28.14 18.05 -18.42
C LYS A 84 28.09 16.56 -18.12
N HIS A 85 26.89 15.99 -18.26
CA HIS A 85 26.67 14.56 -18.13
C HIS A 85 25.42 14.14 -18.89
N LYS A 86 25.51 12.98 -19.53
CA LYS A 86 24.42 12.45 -20.33
C LYS A 86 23.08 12.27 -19.60
N ASN A 87 23.13 11.92 -18.32
CA ASN A 87 21.90 11.69 -17.57
C ASN A 87 21.41 12.83 -16.68
N ILE A 88 21.71 14.07 -17.06
CA ILE A 88 21.23 15.24 -16.34
C ILE A 88 20.83 16.28 -17.37
N ILE A 89 19.93 17.18 -17.00
CA ILE A 89 19.51 18.23 -17.91
C ILE A 89 20.65 19.25 -17.96
N ASN A 90 21.30 19.33 -19.12
CA ASN A 90 22.44 20.22 -19.30
C ASN A 90 22.12 21.63 -19.77
N LEU A 91 22.95 22.58 -19.34
CA LEU A 91 22.82 23.97 -19.73
C LEU A 91 23.38 24.09 -21.14
N LEU A 92 22.75 24.88 -21.98
CA LEU A 92 23.21 25.03 -23.35
C LEU A 92 23.52 26.47 -23.76
N GLY A 93 23.07 27.43 -22.98
CA GLY A 93 23.31 28.83 -23.29
C GLY A 93 22.43 29.75 -22.47
N ALA A 94 22.54 31.05 -22.72
CA ALA A 94 21.76 32.06 -22.00
C ALA A 94 21.71 33.40 -22.72
N CYS A 95 20.59 34.09 -22.57
CA CYS A 95 20.39 35.42 -23.14
C CYS A 95 20.27 36.34 -21.93
N THR A 96 21.34 37.05 -21.62
CA THR A 96 21.34 37.92 -20.45
C THR A 96 21.45 39.41 -20.74
N GLN A 97 21.85 39.76 -21.95
CA GLN A 97 22.04 41.16 -22.30
C GLN A 97 20.87 41.82 -23.03
N ASP A 98 20.64 43.10 -22.72
CA ASP A 98 19.59 43.90 -23.32
C ASP A 98 18.23 43.22 -23.37
N GLY A 99 17.70 42.83 -22.22
CA GLY A 99 16.40 42.18 -22.17
C GLY A 99 16.22 41.25 -21.00
N PRO A 100 15.11 40.50 -21.00
CA PRO A 100 14.79 39.55 -19.93
C PRO A 100 15.76 38.38 -19.96
N LEU A 101 16.05 37.82 -18.79
CA LEU A 101 16.97 36.70 -18.69
C LEU A 101 16.35 35.40 -19.19
N TYR A 102 17.07 34.71 -20.06
CA TYR A 102 16.61 33.45 -20.61
C TYR A 102 17.68 32.39 -20.39
N VAL A 103 17.33 31.32 -19.67
CA VAL A 103 18.25 30.24 -19.43
C VAL A 103 17.86 29.08 -20.34
N ILE A 104 18.76 28.70 -21.22
CA ILE A 104 18.49 27.65 -22.19
C ILE A 104 19.07 26.29 -21.78
N VAL A 105 18.20 25.29 -21.70
CA VAL A 105 18.60 23.94 -21.31
C VAL A 105 18.10 22.88 -22.29
N GLU A 106 18.56 21.65 -22.10
CA GLU A 106 18.16 20.54 -22.95
C GLU A 106 16.66 20.26 -22.86
N TYR A 107 16.08 19.83 -23.96
CA TYR A 107 14.65 19.55 -24.03
C TYR A 107 14.33 18.05 -24.02
N ALA A 108 13.42 17.67 -23.13
CA ALA A 108 12.97 16.29 -23.01
C ALA A 108 11.54 16.26 -23.53
N SER A 109 11.36 15.70 -24.71
CA SER A 109 10.04 15.67 -25.35
C SER A 109 9.00 14.70 -24.78
N LYS A 110 9.45 13.69 -24.04
CA LYS A 110 8.51 12.71 -23.49
C LYS A 110 8.04 12.97 -22.06
N GLY A 111 8.22 14.20 -21.57
CA GLY A 111 7.78 14.56 -20.24
C GLY A 111 8.54 13.93 -19.08
N ASN A 112 7.98 14.02 -17.87
CA ASN A 112 8.63 13.46 -16.70
C ASN A 112 8.44 11.94 -16.61
N LEU A 113 9.28 11.30 -15.81
CA LEU A 113 9.27 9.85 -15.64
C LEU A 113 7.93 9.29 -15.17
N ARG A 114 7.24 10.01 -14.30
CA ARG A 114 5.95 9.56 -13.80
C ARG A 114 4.96 9.41 -14.95
N GLU A 115 4.78 10.50 -15.70
CA GLU A 115 3.88 10.51 -16.85
C GLU A 115 4.28 9.44 -17.85
N TYR A 116 5.57 9.38 -18.15
CA TYR A 116 6.14 8.42 -19.09
C TYR A 116 5.74 6.99 -18.75
N LEU A 117 5.88 6.63 -17.48
CA LEU A 117 5.55 5.29 -17.02
C LEU A 117 4.05 4.99 -17.07
N GLN A 118 3.26 5.94 -16.59
CA GLN A 118 1.80 5.78 -16.55
C GLN A 118 1.17 5.57 -17.93
N ALA A 119 1.72 6.23 -18.95
CA ALA A 119 1.22 6.11 -20.31
C ALA A 119 1.54 4.78 -21.00
N ARG A 120 2.46 4.02 -20.42
CA ARG A 120 2.85 2.75 -21.01
C ARG A 120 2.39 1.56 -20.17
N ARG A 121 1.34 1.75 -19.39
CA ARG A 121 0.79 0.69 -18.56
C ARG A 121 -0.10 -0.19 -19.42
N PRO A 122 -0.30 -1.45 -19.02
CA PRO A 122 -1.16 -2.34 -19.79
C PRO A 122 -2.62 -1.90 -19.70
N PRO A 123 -3.40 -2.21 -20.75
CA PRO A 123 -4.82 -1.83 -20.87
C PRO A 123 -5.73 -2.47 -19.83
N GLY A 124 -6.91 -1.88 -19.66
CA GLY A 124 -7.89 -2.38 -18.71
C GLY A 124 -9.29 -2.39 -19.27
N GLU A 136 -0.26 2.18 -26.79
CA GLU A 136 0.57 2.49 -27.96
C GLU A 136 2.05 2.00 -27.87
N GLU A 137 2.69 2.06 -26.68
CA GLU A 137 4.04 1.48 -26.41
C GLU A 137 4.11 0.84 -25.00
N GLN A 138 4.85 -0.26 -24.85
CA GLN A 138 4.92 -1.05 -23.61
C GLN A 138 6.39 -1.15 -23.14
N LEU A 139 6.66 -1.57 -21.90
CA LEU A 139 8.03 -1.59 -21.36
C LEU A 139 8.33 -2.96 -20.89
N SER A 140 9.48 -3.52 -21.29
CA SER A 140 9.88 -4.85 -20.78
C SER A 140 10.58 -4.68 -19.42
N SER A 141 10.83 -5.80 -18.76
CA SER A 141 11.50 -5.79 -17.47
C SER A 141 12.89 -5.16 -17.59
N LYS A 142 13.56 -5.41 -18.71
CA LYS A 142 14.90 -4.87 -18.93
C LYS A 142 14.85 -3.35 -19.05
N ASP A 143 13.80 -2.85 -19.68
CA ASP A 143 13.62 -1.41 -19.85
C ASP A 143 13.52 -0.73 -18.50
N LEU A 144 12.75 -1.33 -17.60
CA LEU A 144 12.56 -0.79 -16.26
C LEU A 144 13.86 -0.74 -15.47
N VAL A 145 14.64 -1.81 -15.55
CA VAL A 145 15.91 -1.85 -14.83
C VAL A 145 16.92 -0.89 -15.47
N SER A 146 16.85 -0.75 -16.78
CA SER A 146 17.75 0.14 -17.50
C SER A 146 17.45 1.59 -17.10
N CYS A 147 16.16 1.90 -16.93
N CYS A 147 16.22 1.96 -16.98
CA CYS A 147 15.75 3.23 -16.54
CA CYS A 147 15.80 3.29 -16.59
C CYS A 147 16.29 3.56 -15.16
C CYS A 147 16.35 3.63 -15.21
N ALA A 148 16.26 2.58 -14.26
CA ALA A 148 16.77 2.77 -12.91
C ALA A 148 18.28 2.99 -12.95
N TYR A 149 18.95 2.23 -13.80
CA TYR A 149 20.40 2.34 -13.96
C TYR A 149 20.81 3.74 -14.41
N GLN A 150 20.05 4.32 -15.32
CA GLN A 150 20.34 5.64 -15.85
C GLN A 150 20.24 6.72 -14.78
N VAL A 151 19.21 6.65 -13.95
CA VAL A 151 19.01 7.64 -12.90
C VAL A 151 20.12 7.54 -11.86
N ALA A 152 20.57 6.33 -11.58
CA ALA A 152 21.63 6.11 -10.61
C ALA A 152 22.95 6.70 -11.12
N ARG A 153 23.18 6.61 -12.42
CA ARG A 153 24.39 7.15 -13.01
C ARG A 153 24.37 8.67 -12.95
N GLY A 154 23.20 9.25 -13.19
CA GLY A 154 23.06 10.69 -13.13
C GLY A 154 23.36 11.17 -11.73
N MET A 155 22.80 10.49 -10.75
CA MET A 155 23.00 10.85 -9.35
C MET A 155 24.46 10.63 -8.94
N GLU A 156 25.09 9.59 -9.48
CA GLU A 156 26.48 9.30 -9.17
C GLU A 156 27.37 10.46 -9.60
N TYR A 157 27.10 11.00 -10.79
CA TYR A 157 27.87 12.11 -11.30
C TYR A 157 27.65 13.36 -10.45
N LEU A 158 26.39 13.63 -10.13
CA LEU A 158 26.03 14.80 -9.32
C LEU A 158 26.65 14.72 -7.94
N ALA A 159 26.71 13.51 -7.40
CA ALA A 159 27.29 13.29 -6.08
C ALA A 159 28.80 13.53 -6.11
N SER A 160 29.42 13.22 -7.24
CA SER A 160 30.85 13.42 -7.42
C SER A 160 31.24 14.92 -7.45
N LYS A 161 30.31 15.76 -7.89
CA LYS A 161 30.52 17.20 -7.94
C LYS A 161 29.95 17.89 -6.69
N LYS A 162 29.81 17.13 -5.61
CA LYS A 162 29.30 17.58 -4.32
C LYS A 162 27.90 18.17 -4.31
N CYS A 163 27.05 17.71 -5.21
CA CYS A 163 25.68 18.22 -5.30
C CYS A 163 24.65 17.33 -4.61
N ILE A 164 23.85 17.91 -3.73
CA ILE A 164 22.80 17.19 -3.03
C ILE A 164 21.50 17.67 -3.65
N HIS A 165 20.71 16.76 -4.18
CA HIS A 165 19.45 17.09 -4.85
C HIS A 165 18.33 17.63 -3.98
N ARG A 166 18.09 16.93 -2.86
CA ARG A 166 17.04 17.22 -1.84
C ARG A 166 15.57 16.90 -2.21
N ASP A 167 15.29 16.62 -3.48
CA ASP A 167 13.93 16.28 -3.88
C ASP A 167 13.93 15.30 -5.05
N LEU A 168 14.76 14.29 -4.97
CA LEU A 168 14.83 13.28 -6.01
C LEU A 168 13.53 12.50 -6.05
N ALA A 169 12.91 12.46 -7.21
CA ALA A 169 11.65 11.75 -7.42
C ALA A 169 11.43 11.54 -8.90
N ALA A 170 10.41 10.75 -9.25
CA ALA A 170 10.09 10.47 -10.65
C ALA A 170 9.65 11.72 -11.41
N ARG A 171 9.03 12.65 -10.70
CA ARG A 171 8.56 13.90 -11.29
C ARG A 171 9.72 14.79 -11.74
N ASN A 172 10.84 14.71 -11.04
CA ASN A 172 12.02 15.51 -11.36
C ASN A 172 13.02 14.77 -12.25
N VAL A 173 12.53 13.80 -13.01
CA VAL A 173 13.34 13.07 -13.95
C VAL A 173 12.64 13.16 -15.29
N LEU A 174 13.30 13.73 -16.29
CA LEU A 174 12.70 13.89 -17.60
C LEU A 174 13.22 12.88 -18.61
N VAL A 175 12.44 12.62 -19.65
CA VAL A 175 12.80 11.66 -20.68
C VAL A 175 12.88 12.31 -22.06
N THR A 176 13.99 12.07 -22.76
CA THR A 176 14.18 12.64 -24.09
C THR A 176 13.49 11.83 -25.18
N GLU A 177 13.66 12.28 -26.42
CA GLU A 177 13.05 11.61 -27.57
C GLU A 177 13.63 10.22 -27.82
N ASP A 178 14.90 10.02 -27.46
CA ASP A 178 15.55 8.72 -27.61
C ASP A 178 15.54 7.92 -26.31
N ASN A 179 14.54 8.18 -25.47
CA ASN A 179 14.34 7.52 -24.19
C ASN A 179 15.54 7.57 -23.23
N VAL A 180 16.12 8.76 -23.08
CA VAL A 180 17.26 8.94 -22.18
C VAL A 180 16.78 9.64 -20.91
N MET A 181 17.07 9.06 -19.76
CA MET A 181 16.67 9.64 -18.48
C MET A 181 17.62 10.76 -18.06
N LYS A 182 17.04 11.89 -17.68
CA LYS A 182 17.85 13.03 -17.25
C LYS A 182 17.32 13.67 -15.98
N ILE A 183 18.16 13.72 -14.95
CA ILE A 183 17.78 14.36 -13.68
C ILE A 183 17.60 15.87 -13.94
N ALA A 184 16.52 16.45 -13.41
CA ALA A 184 16.23 17.87 -13.55
C ALA A 184 16.09 18.54 -12.19
N ASP A 185 16.11 19.87 -12.19
CA ASP A 185 15.99 20.69 -10.98
C ASP A 185 16.97 20.33 -9.86
N PHE A 186 18.21 20.04 -10.22
CA PHE A 186 19.23 19.68 -9.24
C PHE A 186 19.99 20.89 -8.72
N GLY A 187 20.03 21.96 -9.51
CA GLY A 187 20.74 23.16 -9.12
C GLY A 187 19.83 24.17 -8.43
N LEU A 188 18.58 23.78 -8.25
CA LEU A 188 17.57 24.64 -7.62
C LEU A 188 17.98 25.21 -6.27
N ALA A 189 17.58 26.45 -6.02
CA ALA A 189 17.86 27.12 -4.76
C ALA A 189 16.60 27.12 -3.91
N ARG A 190 16.58 26.25 -2.91
CA ARG A 190 15.42 26.14 -2.02
C ARG A 190 15.83 26.16 -0.56
N ASP A 191 15.55 27.26 0.12
CA ASP A 191 15.95 27.42 1.51
C ASP A 191 15.30 26.44 2.47
N ILE A 192 16.13 25.88 3.35
CA ILE A 192 15.65 24.95 4.37
C ILE A 192 14.92 25.75 5.43
N HIS A 193 13.90 25.10 6.02
CA HIS A 193 13.01 25.60 7.10
C HIS A 193 11.92 26.58 6.64
N HIS A 194 11.86 26.82 5.34
CA HIS A 194 10.82 27.67 4.77
C HIS A 194 9.83 26.81 3.97
N ILE A 195 10.13 25.52 3.85
CA ILE A 195 9.29 24.59 3.12
C ILE A 195 8.00 24.21 3.82
N ASP A 196 6.93 24.12 3.04
CA ASP A 196 5.63 23.71 3.52
C ASP A 196 5.45 22.21 3.40
N TYR A 197 5.31 21.53 4.54
CA TYR A 197 5.15 20.09 4.56
C TYR A 197 3.78 19.65 4.04
N TYR A 198 2.80 20.53 4.18
CA TYR A 198 1.43 20.24 3.74
C TYR A 198 1.16 20.60 2.28
N LYS A 199 2.07 21.35 1.67
CA LYS A 199 1.90 21.75 0.27
C LYS A 199 1.96 20.54 -0.66
N LYS A 200 0.97 20.42 -1.52
CA LYS A 200 0.91 19.29 -2.46
C LYS A 200 1.47 19.66 -3.83
N THR A 201 1.64 18.65 -4.67
CA THR A 201 2.15 18.84 -6.02
C THR A 201 0.97 19.08 -6.95
N THR A 202 1.27 19.27 -8.23
CA THR A 202 0.20 19.49 -9.21
C THR A 202 -0.69 18.26 -9.36
N ASN A 203 -0.07 17.09 -9.27
CA ASN A 203 -0.76 15.81 -9.39
C ASN A 203 -1.56 15.45 -8.14
N GLY A 204 -1.23 16.08 -7.01
CA GLY A 204 -1.92 15.84 -5.77
C GLY A 204 -1.17 15.00 -4.75
N ARG A 205 0.14 14.89 -4.91
CA ARG A 205 0.97 14.10 -3.99
C ARG A 205 1.78 14.99 -3.05
N LEU A 206 2.18 14.43 -1.91
CA LEU A 206 2.96 15.16 -0.91
C LEU A 206 4.44 14.78 -0.96
N PRO A 207 5.30 15.76 -1.22
CA PRO A 207 6.76 15.59 -1.33
C PRO A 207 7.41 14.98 -0.09
N VAL A 208 6.85 15.22 1.09
CA VAL A 208 7.44 14.66 2.30
C VAL A 208 7.58 13.14 2.22
N LYS A 209 6.80 12.51 1.34
CA LYS A 209 6.86 11.05 1.20
C LYS A 209 8.13 10.48 0.53
N TRP A 210 8.99 11.32 -0.05
CA TRP A 210 10.30 10.92 -0.61
C TRP A 210 11.53 11.25 0.35
N MET A 211 11.29 11.88 1.50
CA MET A 211 12.39 12.42 2.32
C MET A 211 12.87 11.45 3.33
N ALA A 212 14.17 11.32 3.50
CA ALA A 212 14.68 10.42 4.53
C ALA A 212 14.18 10.94 5.88
N PRO A 213 14.07 10.05 6.88
CA PRO A 213 13.59 10.45 8.21
C PRO A 213 14.44 11.54 8.86
N GLU A 214 15.76 11.46 8.72
CA GLU A 214 16.65 12.45 9.33
C GLU A 214 16.49 13.83 8.68
N ALA A 215 16.17 13.86 7.39
CA ALA A 215 15.97 15.12 6.69
C ALA A 215 14.61 15.71 7.02
N LEU A 216 13.65 14.84 7.28
CA LEU A 216 12.29 15.24 7.59
C LEU A 216 12.12 15.70 9.04
N PHE A 217 12.87 15.11 9.96
CA PHE A 217 12.76 15.46 11.37
C PHE A 217 13.86 16.40 11.85
N ASP A 218 15.11 16.10 11.51
CA ASP A 218 16.24 16.90 11.95
C ASP A 218 16.85 17.89 10.96
N ARG A 219 16.21 18.05 9.81
CA ARG A 219 16.66 18.96 8.76
C ARG A 219 18.09 18.72 8.25
N ILE A 220 18.49 17.46 8.19
CA ILE A 220 19.82 17.09 7.74
C ILE A 220 19.83 16.43 6.37
N TYR A 221 20.32 17.14 5.37
CA TYR A 221 20.37 16.64 4.00
C TYR A 221 21.78 16.23 3.61
N THR A 222 21.91 15.04 3.04
CA THR A 222 23.21 14.51 2.61
C THR A 222 23.02 13.59 1.40
N HIS A 223 24.12 13.11 0.84
CA HIS A 223 24.05 12.14 -0.23
C HIS A 223 23.25 10.89 0.19
N GLN A 224 23.37 10.53 1.46
CA GLN A 224 22.70 9.38 2.01
C GLN A 224 21.19 9.59 2.05
N SER A 225 20.74 10.81 2.33
CA SER A 225 19.32 11.14 2.25
C SER A 225 18.78 11.07 0.84
N ASP A 226 19.56 11.45 -0.14
CA ASP A 226 19.18 11.29 -1.54
C ASP A 226 19.04 9.77 -1.92
N VAL A 227 19.84 8.89 -1.29
CA VAL A 227 19.82 7.45 -1.56
C VAL A 227 18.47 6.91 -1.06
N TRP A 228 18.02 7.35 0.13
CA TRP A 228 16.65 7.07 0.61
C TRP A 228 15.56 7.46 -0.47
N SER A 229 15.63 8.66 -1.01
CA SER A 229 14.66 9.10 -2.02
C SER A 229 14.75 8.22 -3.29
N PHE A 230 15.98 7.79 -3.63
CA PHE A 230 16.18 6.92 -4.76
C PHE A 230 15.46 5.58 -4.62
N GLY A 231 15.44 5.03 -3.40
CA GLY A 231 14.66 3.87 -3.08
C GLY A 231 13.18 4.04 -3.33
N VAL A 232 12.60 5.17 -2.90
CA VAL A 232 11.16 5.48 -3.22
C VAL A 232 10.97 5.59 -4.75
N LEU A 233 11.93 6.21 -5.40
CA LEU A 233 11.96 6.28 -6.90
C LEU A 233 11.95 4.88 -7.54
N LEU A 234 12.78 3.95 -7.07
CA LEU A 234 12.73 2.54 -7.51
C LEU A 234 11.35 1.93 -7.38
N TRP A 235 10.72 2.17 -6.23
CA TRP A 235 9.33 1.74 -6.01
C TRP A 235 8.34 2.34 -7.09
N GLU A 236 8.48 3.64 -7.38
CA GLU A 236 7.70 4.31 -8.47
C GLU A 236 7.93 3.64 -9.83
N ILE A 237 9.17 3.27 -10.15
CA ILE A 237 9.45 2.63 -11.42
C ILE A 237 8.71 1.31 -11.49
N PHE A 238 8.91 0.44 -10.50
CA PHE A 238 8.34 -0.91 -10.57
C PHE A 238 6.82 -0.97 -10.31
N THR A 239 6.18 0.09 -9.82
CA THR A 239 4.75 0.14 -9.87
C THR A 239 4.24 0.88 -11.15
N LEU A 240 5.08 1.10 -12.15
CA LEU A 240 4.75 1.98 -13.31
C LEU A 240 4.10 3.33 -12.96
N GLY A 241 4.73 4.10 -12.10
CA GLY A 241 4.13 5.41 -11.73
C GLY A 241 3.16 5.42 -10.57
N GLY A 242 3.27 4.44 -9.67
CA GLY A 242 2.32 4.39 -8.53
C GLY A 242 2.55 5.57 -7.64
N SER A 243 1.62 5.81 -6.73
CA SER A 243 1.71 6.93 -5.80
C SER A 243 2.11 6.36 -4.42
N PRO A 244 3.19 6.83 -3.77
CA PRO A 244 3.47 6.26 -2.43
C PRO A 244 2.51 6.64 -1.31
N TYR A 245 2.25 5.70 -0.38
CA TYR A 245 1.38 5.95 0.77
C TYR A 245 0.04 6.63 0.31
N PRO A 246 -0.66 6.05 -0.65
CA PRO A 246 -1.89 6.74 -1.07
C PRO A 246 -2.92 6.90 0.09
N GLY A 247 -3.43 8.12 0.26
CA GLY A 247 -4.43 8.40 1.27
C GLY A 247 -3.90 8.73 2.70
N VAL A 248 -2.59 8.84 2.85
CA VAL A 248 -1.90 8.99 4.14
C VAL A 248 -1.57 10.45 4.28
N PRO A 249 -2.17 11.13 5.26
CA PRO A 249 -1.76 12.52 5.48
C PRO A 249 -0.48 12.62 6.28
N VAL A 250 0.05 13.84 6.27
CA VAL A 250 1.34 14.18 6.89
C VAL A 250 1.53 13.65 8.31
N GLU A 251 0.53 13.85 9.16
CA GLU A 251 0.60 13.40 10.55
C GLU A 251 0.76 11.89 10.69
N GLU A 252 0.00 11.12 9.91
CA GLU A 252 0.08 9.66 9.95
C GLU A 252 1.39 9.18 9.28
N LEU A 253 1.92 9.98 8.34
CA LEU A 253 3.21 9.65 7.75
C LEU A 253 4.29 9.67 8.86
N PHE A 254 4.33 10.76 9.65
CA PHE A 254 5.25 10.87 10.79
C PHE A 254 5.20 9.64 11.67
N LYS A 255 4.00 9.24 12.08
CA LYS A 255 3.84 8.08 12.94
C LYS A 255 4.33 6.81 12.23
N LEU A 256 4.00 6.61 10.93
CA LEU A 256 4.58 5.41 10.22
C LEU A 256 6.13 5.38 10.20
N LEU A 257 6.78 6.50 9.92
CA LEU A 257 8.25 6.55 9.92
C LEU A 257 8.85 6.28 11.34
N LYS A 258 8.33 6.92 12.39
CA LYS A 258 8.82 6.68 13.76
C LYS A 258 8.72 5.21 14.12
N GLU A 259 7.65 4.52 13.65
CA GLU A 259 7.51 3.08 13.89
C GLU A 259 8.35 2.11 13.03
N GLY A 260 9.13 2.58 12.06
CA GLY A 260 9.85 1.63 11.18
C GLY A 260 9.04 1.07 10.03
N HIS A 261 7.90 1.66 9.69
CA HIS A 261 7.15 1.11 8.59
C HIS A 261 7.98 1.17 7.26
N ARG A 262 7.87 0.16 6.41
CA ARG A 262 8.45 0.08 5.07
C ARG A 262 7.37 -0.44 4.09
N MET A 263 7.28 0.15 2.90
CA MET A 263 6.30 -0.21 1.86
C MET A 263 6.48 -1.65 1.43
N ASP A 264 5.39 -2.28 1.01
CA ASP A 264 5.42 -3.67 0.56
C ASP A 264 6.02 -3.77 -0.83
N LYS A 265 6.47 -4.97 -1.16
CA LYS A 265 7.08 -5.20 -2.45
C LYS A 265 6.07 -5.20 -3.58
N PRO A 266 6.22 -4.27 -4.53
CA PRO A 266 5.35 -4.27 -5.74
C PRO A 266 5.27 -5.65 -6.42
N SER A 267 4.22 -5.90 -7.18
CA SER A 267 4.11 -7.14 -7.94
C SER A 267 5.02 -7.04 -9.16
N ASN A 268 5.46 -8.18 -9.67
CA ASN A 268 6.36 -8.21 -10.84
C ASN A 268 7.67 -7.41 -10.59
N CYS A 269 8.21 -7.61 -9.39
CA CYS A 269 9.45 -7.03 -8.92
C CYS A 269 10.22 -8.23 -8.39
N THR A 270 11.52 -8.31 -8.62
CA THR A 270 12.23 -9.50 -8.16
C THR A 270 12.58 -9.25 -6.68
N ASN A 271 12.84 -10.30 -5.97
CA ASN A 271 13.33 -10.21 -4.56
C ASN A 271 14.59 -9.39 -4.41
N GLU A 272 15.49 -9.56 -5.38
CA GLU A 272 16.74 -8.82 -5.45
C GLU A 272 16.49 -7.29 -5.58
N LEU A 273 15.59 -6.85 -6.44
CA LEU A 273 15.32 -5.40 -6.56
C LEU A 273 14.59 -4.82 -5.33
N TYR A 274 13.80 -5.65 -4.66
CA TYR A 274 13.11 -5.21 -3.46
C TYR A 274 14.08 -5.23 -2.28
N MET A 275 15.18 -6.02 -2.23
N MET A 275 15.23 -5.96 -2.28
CA MET A 275 16.23 -5.95 -1.24
CA MET A 275 16.28 -5.88 -1.29
C MET A 275 16.97 -4.62 -1.43
C MET A 275 17.02 -4.55 -1.48
N MET A 276 17.15 -4.20 -2.68
CA MET A 276 17.84 -2.92 -2.99
C MET A 276 17.05 -1.72 -2.39
N MET A 277 15.74 -1.72 -2.59
CA MET A 277 14.86 -0.70 -2.08
C MET A 277 15.01 -0.60 -0.57
N ARG A 278 14.92 -1.75 0.09
CA ARG A 278 15.04 -1.82 1.54
C ARG A 278 16.40 -1.35 2.01
N ASP A 279 17.45 -1.72 1.27
CA ASP A 279 18.80 -1.32 1.59
C ASP A 279 18.92 0.19 1.54
N CYS A 280 18.19 0.81 0.61
CA CYS A 280 18.19 2.29 0.45
C CYS A 280 17.43 2.91 1.59
N TRP A 281 16.49 2.16 2.16
CA TRP A 281 15.67 2.67 3.26
C TRP A 281 16.20 2.29 4.64
N HIS A 282 17.49 2.01 4.75
CA HIS A 282 18.07 1.64 6.03
C HIS A 282 17.92 2.78 7.03
N ALA A 283 17.49 2.46 8.25
CA ALA A 283 17.30 3.47 9.27
C ALA A 283 18.58 4.21 9.60
N VAL A 284 19.72 3.54 9.49
CA VAL A 284 20.98 4.20 9.80
C VAL A 284 21.65 4.70 8.52
N PRO A 285 21.82 6.07 8.38
CA PRO A 285 22.29 6.62 7.07
C PRO A 285 23.63 6.09 6.55
N SER A 286 24.58 5.78 7.47
CA SER A 286 25.91 5.22 7.08
C SER A 286 25.80 3.81 6.50
N GLN A 287 24.72 3.11 6.82
CA GLN A 287 24.53 1.69 6.35
C GLN A 287 23.81 1.54 4.98
N ARG A 288 23.32 2.61 4.40
CA ARG A 288 22.68 2.46 3.12
C ARG A 288 23.77 2.38 2.06
N PRO A 289 23.49 1.74 0.91
CA PRO A 289 24.53 1.78 -0.18
C PRO A 289 24.77 3.20 -0.76
N THR A 290 25.92 3.47 -1.37
CA THR A 290 26.19 4.75 -2.08
C THR A 290 25.67 4.61 -3.55
N PHE A 291 25.68 5.73 -4.31
CA PHE A 291 25.24 5.70 -5.70
C PHE A 291 26.29 4.97 -6.54
N LYS A 292 27.54 5.05 -6.13
CA LYS A 292 28.59 4.32 -6.85
C LYS A 292 28.29 2.83 -6.79
N GLN A 293 27.88 2.35 -5.63
CA GLN A 293 27.55 0.93 -5.46
C GLN A 293 26.27 0.56 -6.22
N LEU A 294 25.26 1.42 -6.13
CA LEU A 294 24.00 1.18 -6.81
C LEU A 294 24.24 1.05 -8.32
N VAL A 295 25.04 1.93 -8.88
CA VAL A 295 25.38 1.86 -10.31
C VAL A 295 25.94 0.48 -10.67
N GLU A 296 26.90 -0.01 -9.89
CA GLU A 296 27.51 -1.30 -10.13
C GLU A 296 26.54 -2.48 -10.08
N ASP A 297 25.68 -2.49 -9.08
CA ASP A 297 24.72 -3.56 -8.91
C ASP A 297 23.69 -3.55 -10.03
N LEU A 298 23.21 -2.38 -10.41
CA LEU A 298 22.18 -2.28 -11.46
C LEU A 298 22.77 -2.66 -12.83
N ASP A 299 24.03 -2.31 -13.05
CA ASP A 299 24.75 -2.74 -14.23
C ASP A 299 24.71 -4.27 -14.42
N ARG A 300 25.16 -5.01 -13.40
CA ARG A 300 25.05 -6.49 -13.40
C ARG A 300 23.60 -7.02 -13.55
N ILE A 301 22.63 -6.37 -12.91
CA ILE A 301 21.24 -6.81 -13.00
C ILE A 301 20.68 -6.57 -14.41
N VAL A 302 20.94 -5.40 -15.01
CA VAL A 302 20.46 -5.14 -16.36
C VAL A 302 20.91 -6.27 -17.24
N ALA A 303 22.20 -6.54 -17.24
CA ALA A 303 22.78 -7.66 -18.03
C ALA A 303 22.06 -9.03 -17.91
N LEU A 304 21.58 -9.39 -16.73
CA LEU A 304 20.93 -10.67 -16.51
C LEU A 304 19.40 -10.63 -16.57
N THR A 305 18.79 -9.52 -16.95
CA THR A 305 17.33 -9.38 -16.88
C THR A 305 16.77 -9.60 -18.31
N SER A 306 15.68 -10.38 -18.40
CA SER A 306 15.08 -10.67 -19.70
C SER A 306 14.33 -9.48 -20.32
N ASN A 307 14.54 -9.29 -21.62
CA ASN A 307 13.67 -8.41 -22.49
C ASN A 307 12.42 -9.13 -23.07
N GLN A 308 12.21 -10.41 -22.76
CA GLN A 308 11.06 -11.14 -23.27
C GLN A 308 10.02 -11.06 -22.16
N VAL B 4 -38.36 -10.85 31.77
CA VAL B 4 -38.82 -12.10 31.15
C VAL B 4 -38.06 -13.28 31.74
N SER B 5 -36.66 -13.09 31.15
CA SER B 5 -35.47 -13.82 31.58
C SER B 5 -34.85 -13.29 32.86
N GLU B 6 -35.56 -12.43 33.58
CA GLU B 6 -35.05 -11.86 34.82
C GLU B 6 -34.78 -12.88 35.93
N TYR B 7 -35.74 -13.76 36.19
CA TYR B 7 -35.57 -14.74 37.25
C TYR B 7 -35.21 -16.13 36.77
N GLU B 8 -35.67 -16.50 35.59
CA GLU B 8 -35.38 -17.81 35.00
C GLU B 8 -35.52 -17.88 33.48
N LEU B 9 -34.59 -18.55 32.83
CA LEU B 9 -34.71 -18.73 31.38
C LEU B 9 -35.52 -19.92 30.95
N PRO B 10 -36.01 -19.93 29.71
CA PRO B 10 -36.83 -21.00 29.14
C PRO B 10 -35.93 -22.22 29.03
N GLU B 11 -36.52 -23.40 29.10
CA GLU B 11 -35.78 -24.65 29.00
C GLU B 11 -35.75 -25.19 27.57
N ASP B 12 -34.70 -25.95 27.29
CA ASP B 12 -34.48 -26.61 26.01
C ASP B 12 -33.59 -27.82 26.27
N PRO B 13 -34.20 -28.97 26.56
CA PRO B 13 -33.57 -30.26 26.89
C PRO B 13 -32.68 -30.76 25.75
N ARG B 14 -32.92 -30.30 24.52
CA ARG B 14 -32.09 -30.71 23.39
C ARG B 14 -30.59 -30.37 23.55
N TRP B 15 -30.33 -29.19 24.09
CA TRP B 15 -28.97 -28.73 24.32
C TRP B 15 -28.48 -28.59 25.76
N GLU B 16 -29.36 -28.76 26.73
CA GLU B 16 -28.97 -28.59 28.12
C GLU B 16 -27.88 -29.55 28.63
N LEU B 17 -26.89 -28.99 29.29
CA LEU B 17 -25.79 -29.75 29.88
C LEU B 17 -25.70 -29.40 31.35
N PRO B 18 -25.57 -30.41 32.20
CA PRO B 18 -25.47 -30.16 33.64
C PRO B 18 -24.21 -29.38 33.98
N ARG B 19 -24.29 -28.54 35.00
CA ARG B 19 -23.15 -27.73 35.44
C ARG B 19 -22.03 -28.55 36.07
N ASP B 20 -22.32 -29.74 36.57
CA ASP B 20 -21.29 -30.57 37.17
C ASP B 20 -20.46 -31.30 36.11
N ARG B 21 -20.87 -31.17 34.86
CA ARG B 21 -20.17 -31.81 33.75
C ARG B 21 -19.32 -30.81 32.97
N LEU B 22 -19.06 -29.66 33.58
CA LEU B 22 -18.25 -28.62 32.95
C LEU B 22 -17.26 -28.04 33.94
N VAL B 23 -15.99 -27.99 33.54
CA VAL B 23 -14.96 -27.46 34.41
C VAL B 23 -14.33 -26.25 33.75
N LEU B 24 -14.69 -25.06 34.23
CA LEU B 24 -14.17 -23.82 33.67
C LEU B 24 -12.66 -23.72 33.89
N GLY B 25 -11.97 -23.12 32.93
CA GLY B 25 -10.53 -22.99 33.02
C GLY B 25 -10.02 -21.58 32.77
N LYS B 26 -8.93 -21.49 32.02
CA LYS B 26 -8.30 -20.21 31.71
C LYS B 26 -9.11 -19.36 30.73
N PRO B 27 -9.24 -18.06 31.04
CA PRO B 27 -9.97 -17.12 30.19
C PRO B 27 -9.22 -16.87 28.89
N LEU B 28 -9.96 -16.75 27.80
CA LEU B 28 -9.35 -16.49 26.50
C LEU B 28 -9.40 -15.01 26.16
N GLY B 29 -10.17 -14.25 26.94
CA GLY B 29 -10.30 -12.83 26.72
C GLY B 29 -11.74 -12.38 26.94
N GLU B 30 -11.97 -11.08 26.87
CA GLU B 30 -13.31 -10.55 27.06
C GLU B 30 -13.64 -9.44 26.07
N GLY B 31 -14.93 -9.12 25.96
CA GLY B 31 -15.39 -8.09 25.06
C GLY B 31 -16.22 -7.02 25.74
N ALA B 32 -17.09 -6.40 24.97
CA ALA B 32 -17.95 -5.34 25.47
C ALA B 32 -18.81 -5.75 26.66
N PHE B 33 -19.59 -6.80 26.49
CA PHE B 33 -20.45 -7.27 27.57
C PHE B 33 -20.28 -8.75 27.91
N GLY B 34 -19.42 -9.44 27.17
CA GLY B 34 -19.18 -10.84 27.40
C GLY B 34 -17.72 -11.22 27.51
N GLN B 35 -17.47 -12.49 27.81
CA GLN B 35 -16.12 -13.03 27.93
C GLN B 35 -16.12 -14.49 27.53
N VAL B 36 -14.98 -14.98 27.08
CA VAL B 36 -14.87 -16.36 26.66
C VAL B 36 -13.84 -17.07 27.54
N VAL B 37 -14.20 -18.24 28.05
CA VAL B 37 -13.32 -19.00 28.91
C VAL B 37 -13.10 -20.42 28.39
N LEU B 38 -11.84 -20.85 28.37
CA LEU B 38 -11.53 -22.20 27.93
C LEU B 38 -12.02 -23.15 29.00
N ALA B 39 -12.59 -24.28 28.59
CA ALA B 39 -13.11 -25.23 29.56
C ALA B 39 -13.05 -26.67 29.08
N GLU B 40 -13.39 -27.58 29.99
CA GLU B 40 -13.40 -29.00 29.70
C GLU B 40 -14.79 -29.58 29.95
N ALA B 41 -15.40 -30.12 28.92
CA ALA B 41 -16.74 -30.69 29.04
C ALA B 41 -16.69 -32.21 29.07
N ILE B 42 -17.38 -32.81 30.04
CA ILE B 42 -17.39 -34.26 30.19
C ILE B 42 -18.65 -34.90 29.61
N GLY B 43 -18.46 -35.77 28.63
CA GLY B 43 -19.56 -36.47 27.98
C GLY B 43 -20.59 -35.56 27.35
N LEU B 44 -20.20 -34.90 26.27
CA LEU B 44 -21.11 -34.00 25.55
C LEU B 44 -22.12 -34.80 24.73
N ASP B 45 -21.69 -35.93 24.20
CA ASP B 45 -22.55 -36.79 23.39
C ASP B 45 -22.60 -38.22 23.89
N LYS B 46 -23.68 -38.93 23.52
CA LYS B 46 -23.87 -40.31 23.93
C LYS B 46 -22.78 -41.21 23.33
N PRO B 49 -20.04 -39.86 26.93
CA PRO B 49 -20.33 -40.39 28.27
C PRO B 49 -19.25 -39.96 29.26
N ASN B 50 -18.11 -40.64 29.24
CA ASN B 50 -17.01 -40.28 30.13
C ASN B 50 -15.88 -39.54 29.38
N ARG B 51 -16.02 -39.31 28.06
CA ARG B 51 -15.06 -38.51 27.25
C ARG B 51 -15.04 -37.00 27.62
N VAL B 52 -13.83 -36.43 27.76
CA VAL B 52 -13.62 -34.98 27.90
C VAL B 52 -13.32 -34.33 26.55
N THR B 53 -14.00 -33.20 26.27
CA THR B 53 -13.75 -32.37 25.09
C THR B 53 -13.20 -31.00 25.53
N LYS B 54 -12.28 -30.45 24.77
CA LYS B 54 -11.82 -29.10 25.04
C LYS B 54 -12.88 -28.23 24.39
N VAL B 55 -13.35 -27.19 25.09
CA VAL B 55 -14.37 -26.31 24.53
C VAL B 55 -14.19 -24.86 24.95
N ALA B 56 -14.93 -23.98 24.27
CA ALA B 56 -14.91 -22.56 24.55
C ALA B 56 -16.27 -22.15 25.09
N VAL B 57 -16.28 -21.50 26.24
CA VAL B 57 -17.54 -21.10 26.85
C VAL B 57 -17.75 -19.58 26.84
N LYS B 58 -18.90 -19.17 26.34
N LYS B 58 -18.90 -19.17 26.34
CA LYS B 58 -19.25 -17.75 26.27
CA LYS B 58 -19.25 -17.75 26.27
C LYS B 58 -20.20 -17.43 27.42
C LYS B 58 -20.20 -17.43 27.42
N MET B 59 -19.91 -16.35 28.14
CA MET B 59 -20.73 -15.96 29.27
C MET B 59 -20.72 -14.45 29.44
N LEU B 60 -21.64 -13.94 30.25
CA LEU B 60 -21.72 -12.51 30.49
C LEU B 60 -20.70 -12.09 31.54
N LYS B 61 -20.38 -10.81 31.56
CA LYS B 61 -19.48 -10.28 32.56
C LYS B 61 -20.31 -9.92 33.79
N SER B 62 -19.64 -9.61 34.90
CA SER B 62 -20.36 -9.26 36.13
C SER B 62 -21.10 -7.92 36.11
N ASP B 63 -20.73 -7.03 35.19
CA ASP B 63 -21.37 -5.74 35.07
C ASP B 63 -22.40 -5.71 33.93
N ALA B 64 -22.82 -6.88 33.47
CA ALA B 64 -23.79 -6.97 32.38
C ALA B 64 -25.22 -6.62 32.79
N THR B 65 -26.04 -6.28 31.80
CA THR B 65 -27.43 -5.91 32.04
C THR B 65 -28.42 -6.81 31.31
N GLU B 66 -29.70 -6.63 31.60
CA GLU B 66 -30.78 -7.40 30.96
C GLU B 66 -30.71 -7.36 29.40
N LYS B 67 -30.33 -6.21 28.81
CA LYS B 67 -30.11 -6.16 27.36
C LYS B 67 -28.92 -7.03 26.93
N ASP B 68 -27.86 -7.11 27.74
CA ASP B 68 -26.74 -8.00 27.35
C ASP B 68 -27.14 -9.45 27.40
N LEU B 69 -27.94 -9.82 28.39
CA LEU B 69 -28.46 -11.18 28.49
C LEU B 69 -29.33 -11.59 27.24
N SER B 70 -30.23 -10.71 26.83
CA SER B 70 -31.10 -10.98 25.64
C SER B 70 -30.27 -11.12 24.33
N ASP B 71 -29.20 -10.34 24.23
CA ASP B 71 -28.29 -10.42 23.11
C ASP B 71 -27.57 -11.78 23.09
N LEU B 72 -27.07 -12.24 24.24
CA LEU B 72 -26.39 -13.52 24.31
C LEU B 72 -27.38 -14.68 23.98
N ILE B 73 -28.60 -14.58 24.47
CA ILE B 73 -29.69 -15.56 24.19
C ILE B 73 -30.00 -15.67 22.70
N SER B 74 -30.11 -14.51 22.06
CA SER B 74 -30.34 -14.42 20.63
C SER B 74 -29.19 -15.07 19.86
N GLU B 75 -27.94 -14.80 20.26
CA GLU B 75 -26.82 -15.39 19.58
C GLU B 75 -26.92 -16.91 19.65
N MET B 76 -27.30 -17.43 20.82
CA MET B 76 -27.42 -18.89 20.98
C MET B 76 -28.58 -19.47 20.12
N GLU B 77 -29.69 -18.74 20.06
CA GLU B 77 -30.87 -19.18 19.30
C GLU B 77 -30.55 -19.18 17.81
N MET B 78 -29.81 -18.16 17.38
CA MET B 78 -29.43 -18.06 15.98
C MET B 78 -28.60 -19.27 15.59
N MET B 79 -27.65 -19.64 16.43
CA MET B 79 -26.80 -20.78 16.17
C MET B 79 -27.62 -22.05 15.99
N LYS B 80 -28.57 -22.30 16.90
CA LYS B 80 -29.45 -23.46 16.74
C LYS B 80 -30.15 -23.50 15.36
N MET B 81 -30.70 -22.38 14.93
CA MET B 81 -31.37 -22.30 13.62
C MET B 81 -30.48 -22.54 12.39
N ILE B 82 -29.20 -22.16 12.48
CA ILE B 82 -28.26 -22.22 11.35
C ILE B 82 -27.82 -23.65 11.08
N GLY B 83 -27.57 -24.41 12.13
CA GLY B 83 -27.15 -25.78 11.99
C GLY B 83 -25.65 -25.96 11.93
N LYS B 84 -25.21 -27.19 11.69
CA LYS B 84 -23.78 -27.49 11.66
C LYS B 84 -23.08 -27.44 10.30
N HIS B 85 -21.81 -27.08 10.35
CA HIS B 85 -20.95 -27.03 9.17
C HIS B 85 -19.52 -27.07 9.65
N LYS B 86 -18.67 -27.75 8.89
CA LYS B 86 -17.27 -27.89 9.25
C LYS B 86 -16.48 -26.58 9.27
N ASN B 87 -16.88 -25.60 8.47
CA ASN B 87 -16.18 -24.33 8.39
C ASN B 87 -16.76 -23.16 9.20
N ILE B 88 -17.65 -23.47 10.14
CA ILE B 88 -18.20 -22.46 11.06
C ILE B 88 -17.87 -23.00 12.49
N ILE B 89 -17.96 -22.11 13.47
CA ILE B 89 -17.77 -22.50 14.87
C ILE B 89 -19.14 -22.99 15.32
N ASN B 90 -19.26 -24.27 15.61
CA ASN B 90 -20.54 -24.87 15.99
C ASN B 90 -20.94 -24.81 17.45
N LEU B 91 -22.24 -24.90 17.70
CA LEU B 91 -22.79 -24.90 19.05
C LEU B 91 -22.78 -26.33 19.57
N LEU B 92 -22.28 -26.53 20.79
CA LEU B 92 -22.22 -27.87 21.36
C LEU B 92 -23.12 -28.09 22.57
N GLY B 93 -23.59 -27.02 23.19
CA GLY B 93 -24.43 -27.14 24.36
C GLY B 93 -24.61 -25.82 25.10
N ALA B 94 -25.38 -25.86 26.18
CA ALA B 94 -25.64 -24.68 26.99
C ALA B 94 -26.18 -25.01 28.39
N CYS B 95 -25.74 -24.22 29.36
CA CYS B 95 -26.19 -24.35 30.74
C CYS B 95 -27.04 -23.11 30.94
N THR B 96 -28.35 -23.28 31.01
CA THR B 96 -29.25 -22.14 31.14
C THR B 96 -30.07 -22.07 32.43
N GLN B 97 -30.06 -23.15 33.21
CA GLN B 97 -30.85 -23.18 34.44
C GLN B 97 -30.02 -23.09 35.72
N ASP B 98 -30.61 -22.55 36.77
CA ASP B 98 -29.97 -22.40 38.07
C ASP B 98 -28.56 -21.83 38.01
N GLY B 99 -28.42 -20.63 37.47
CA GLY B 99 -27.12 -20.00 37.36
C GLY B 99 -26.93 -19.24 36.08
N PRO B 100 -25.75 -18.63 35.92
CA PRO B 100 -25.42 -17.83 34.75
C PRO B 100 -25.47 -18.63 33.45
N LEU B 101 -25.85 -17.96 32.38
CA LEU B 101 -25.93 -18.59 31.07
C LEU B 101 -24.55 -18.88 30.50
N TYR B 102 -24.34 -20.12 30.09
CA TYR B 102 -23.08 -20.55 29.49
C TYR B 102 -23.36 -21.06 28.08
N VAL B 103 -22.73 -20.46 27.08
CA VAL B 103 -22.90 -20.89 25.71
C VAL B 103 -21.65 -21.66 25.31
N ILE B 104 -21.80 -22.96 25.11
CA ILE B 104 -20.67 -23.82 24.78
C ILE B 104 -20.47 -24.06 23.29
N VAL B 105 -19.32 -23.65 22.78
CA VAL B 105 -19.00 -23.82 21.35
C VAL B 105 -17.65 -24.51 21.14
N GLU B 106 -17.37 -24.85 19.88
CA GLU B 106 -16.14 -25.53 19.50
C GLU B 106 -14.88 -24.70 19.78
N TYR B 107 -13.86 -25.34 20.32
CA TYR B 107 -12.55 -24.67 20.59
C TYR B 107 -11.52 -24.76 19.39
N ALA B 108 -10.93 -23.63 19.03
CA ALA B 108 -9.98 -23.48 17.98
C ALA B 108 -8.64 -23.12 18.60
N SER B 109 -7.72 -24.08 18.67
CA SER B 109 -6.47 -23.93 19.47
C SER B 109 -5.36 -23.12 18.82
N LYS B 110 -5.42 -22.87 17.54
CA LYS B 110 -4.36 -22.14 16.87
C LYS B 110 -4.69 -20.65 16.55
N GLY B 111 -5.65 -20.08 17.26
CA GLY B 111 -5.97 -18.63 17.19
C GLY B 111 -6.64 -18.17 15.90
N ASN B 112 -6.72 -16.86 15.71
CA ASN B 112 -7.33 -16.31 14.50
C ASN B 112 -6.41 -16.39 13.31
N LEU B 113 -6.98 -16.30 12.11
CA LEU B 113 -6.23 -16.47 10.83
C LEU B 113 -5.11 -15.47 10.57
N ARG B 114 -5.27 -14.24 11.08
CA ARG B 114 -4.26 -13.22 10.93
C ARG B 114 -2.95 -13.63 11.62
N GLU B 115 -3.08 -14.01 12.88
CA GLU B 115 -1.97 -14.42 13.73
C GLU B 115 -1.33 -15.71 13.20
N TYR B 116 -2.18 -16.67 12.83
CA TYR B 116 -1.73 -17.92 12.19
C TYR B 116 -0.88 -17.66 10.93
N LEU B 117 -1.25 -16.69 10.08
CA LEU B 117 -0.45 -16.39 8.86
C LEU B 117 0.87 -15.63 9.16
N GLN B 118 0.80 -14.67 10.06
CA GLN B 118 1.97 -13.89 10.53
C GLN B 118 3.03 -14.79 11.19
N ALA B 119 2.62 -15.75 12.05
CA ALA B 119 3.57 -16.67 12.70
C ALA B 119 4.28 -17.60 11.71
N ARG B 120 3.78 -17.71 10.50
CA ARG B 120 4.29 -18.60 9.52
C ARG B 120 4.97 -17.95 8.33
N ARG B 121 5.33 -16.68 8.45
CA ARG B 121 6.09 -16.00 7.40
C ARG B 121 7.55 -16.57 7.31
N PRO B 122 8.01 -16.97 6.09
CA PRO B 122 9.37 -17.46 5.87
C PRO B 122 10.50 -16.45 6.18
N PRO B 123 11.65 -16.96 6.64
CA PRO B 123 12.81 -16.13 6.95
C PRO B 123 13.35 -15.53 5.66
N GLY B 124 14.38 -14.71 5.76
CA GLY B 124 14.93 -14.07 4.59
C GLY B 124 13.98 -12.96 4.21
N LEU B 125 13.86 -12.69 2.91
CA LEU B 125 12.97 -11.64 2.40
C LEU B 125 13.19 -10.32 3.13
N GLU B 126 12.11 -9.76 3.65
CA GLU B 126 12.21 -8.50 4.37
C GLU B 126 11.33 -8.51 5.62
N TYR B 127 11.01 -9.70 6.09
CA TYR B 127 10.18 -9.85 7.28
C TYR B 127 11.03 -9.76 8.55
N SER B 128 10.43 -9.29 9.63
CA SER B 128 11.14 -9.17 10.90
C SER B 128 11.35 -10.54 11.54
N TYR B 129 12.35 -10.64 12.41
CA TYR B 129 12.65 -11.91 13.08
C TYR B 129 11.58 -12.28 14.09
N GLU B 136 8.34 -26.28 8.99
CA GLU B 136 7.37 -27.37 9.08
C GLU B 136 5.96 -26.84 9.21
N GLU B 137 5.83 -25.51 9.30
CA GLU B 137 4.53 -24.88 9.43
C GLU B 137 4.30 -23.86 8.31
N GLN B 138 5.35 -23.59 7.54
CA GLN B 138 5.27 -22.64 6.44
C GLN B 138 4.21 -23.10 5.46
N LEU B 139 3.44 -22.18 4.89
CA LEU B 139 2.39 -22.59 3.98
C LEU B 139 2.64 -22.50 2.48
N SER B 140 2.52 -23.64 1.82
CA SER B 140 2.57 -23.69 0.33
C SER B 140 1.50 -22.81 -0.38
N SER B 141 1.69 -22.51 -1.67
CA SER B 141 0.66 -21.81 -2.47
C SER B 141 -0.69 -22.55 -2.40
N LYS B 142 -0.67 -23.87 -2.47
CA LYS B 142 -1.89 -24.67 -2.39
C LYS B 142 -2.58 -24.37 -1.07
N ASP B 143 -1.83 -24.52 0.02
CA ASP B 143 -2.33 -24.23 1.38
C ASP B 143 -3.02 -22.88 1.44
N LEU B 144 -2.38 -21.86 0.87
CA LEU B 144 -2.98 -20.52 0.89
C LEU B 144 -4.29 -20.48 0.12
N VAL B 145 -4.36 -21.16 -1.04
CA VAL B 145 -5.65 -21.25 -1.76
C VAL B 145 -6.71 -22.07 -0.96
N SER B 146 -6.25 -23.13 -0.35
CA SER B 146 -7.07 -23.96 0.49
C SER B 146 -7.75 -23.17 1.67
N CYS B 147 -6.99 -22.29 2.33
CA CYS B 147 -7.56 -21.37 3.32
C CYS B 147 -8.71 -20.63 2.69
N ALA B 148 -8.48 -19.97 1.54
CA ALA B 148 -9.54 -19.21 0.86
C ALA B 148 -10.78 -20.04 0.50
N TYR B 149 -10.55 -21.26 0.02
CA TYR B 149 -11.62 -22.23 -0.24
C TYR B 149 -12.48 -22.59 1.01
N GLN B 150 -11.82 -23.03 2.08
CA GLN B 150 -12.51 -23.33 3.37
C GLN B 150 -13.36 -22.14 3.82
N VAL B 151 -12.80 -20.91 3.83
CA VAL B 151 -13.53 -19.72 4.24
C VAL B 151 -14.75 -19.51 3.34
N ALA B 152 -14.54 -19.73 2.04
CA ALA B 152 -15.63 -19.44 1.09
C ALA B 152 -16.75 -20.48 1.28
N ARG B 153 -16.37 -21.72 1.52
CA ARG B 153 -17.34 -22.74 1.86
C ARG B 153 -18.24 -22.45 3.10
N GLY B 154 -17.62 -21.89 4.14
CA GLY B 154 -18.30 -21.59 5.37
C GLY B 154 -19.26 -20.49 5.07
N MET B 155 -18.83 -19.55 4.25
CA MET B 155 -19.67 -18.42 3.86
C MET B 155 -20.83 -18.88 2.95
N GLU B 156 -20.60 -19.84 2.06
CA GLU B 156 -21.68 -20.32 1.15
C GLU B 156 -22.77 -20.99 2.01
N TYR B 157 -22.32 -21.77 3.00
CA TYR B 157 -23.23 -22.35 4.01
C TYR B 157 -24.07 -21.31 4.77
N LEU B 158 -23.43 -20.28 5.30
CA LEU B 158 -24.11 -19.24 6.05
C LEU B 158 -25.12 -18.44 5.16
N ALA B 159 -24.66 -18.07 3.97
CA ALA B 159 -25.55 -17.43 3.00
C ALA B 159 -26.81 -18.31 2.66
N SER B 160 -26.64 -19.61 2.41
CA SER B 160 -27.77 -20.52 2.24
C SER B 160 -28.71 -20.65 3.47
N LYS B 161 -28.35 -20.05 4.61
CA LYS B 161 -29.23 -20.01 5.78
C LYS B 161 -29.62 -18.60 6.05
N LYS B 162 -29.43 -17.73 5.07
CA LYS B 162 -29.77 -16.30 5.20
C LYS B 162 -29.03 -15.51 6.27
N CYS B 163 -27.83 -15.96 6.65
CA CYS B 163 -27.01 -15.24 7.65
C CYS B 163 -26.01 -14.30 6.92
N ILE B 164 -26.04 -13.03 7.31
CA ILE B 164 -25.14 -12.01 6.77
C ILE B 164 -24.16 -11.71 7.89
N HIS B 165 -22.87 -11.99 7.69
CA HIS B 165 -21.87 -11.79 8.74
C HIS B 165 -21.61 -10.36 9.22
N ARG B 166 -21.44 -9.44 8.27
CA ARG B 166 -21.22 -7.98 8.43
C ARG B 166 -19.80 -7.54 8.83
N ASP B 167 -18.95 -8.48 9.26
CA ASP B 167 -17.56 -8.16 9.60
C ASP B 167 -16.64 -9.35 9.33
N LEU B 168 -16.61 -9.76 8.08
CA LEU B 168 -15.82 -10.90 7.63
C LEU B 168 -14.39 -10.37 7.40
N ALA B 169 -13.43 -10.96 8.10
CA ALA B 169 -12.05 -10.47 8.23
C ALA B 169 -11.26 -11.60 8.84
N ALA B 170 -9.96 -11.65 8.57
CA ALA B 170 -9.11 -12.72 9.06
C ALA B 170 -9.20 -12.89 10.56
N ARG B 171 -9.35 -11.76 11.24
CA ARG B 171 -9.46 -11.73 12.69
C ARG B 171 -10.67 -12.53 13.20
N ASN B 172 -11.69 -12.65 12.35
CA ASN B 172 -12.92 -13.41 12.67
C ASN B 172 -13.00 -14.83 12.08
N VAL B 173 -11.88 -15.36 11.61
CA VAL B 173 -11.73 -16.76 11.18
C VAL B 173 -10.78 -17.34 12.22
N LEU B 174 -11.18 -18.44 12.83
CA LEU B 174 -10.38 -19.15 13.81
C LEU B 174 -9.88 -20.47 13.15
N VAL B 175 -8.73 -20.98 13.62
CA VAL B 175 -8.06 -22.18 13.09
C VAL B 175 -7.88 -23.26 14.20
N THR B 176 -8.37 -24.49 13.99
CA THR B 176 -8.25 -25.63 14.97
C THR B 176 -6.89 -26.34 14.98
N GLU B 177 -6.71 -27.29 15.92
CA GLU B 177 -5.50 -28.18 15.91
C GLU B 177 -5.20 -28.77 14.54
N ASP B 178 -6.24 -29.20 13.82
CA ASP B 178 -6.11 -29.84 12.51
C ASP B 178 -6.23 -28.89 11.31
N ASN B 179 -5.92 -27.61 11.56
CA ASN B 179 -5.78 -26.60 10.52
C ASN B 179 -7.04 -26.42 9.69
N VAL B 180 -8.18 -26.58 10.33
CA VAL B 180 -9.47 -26.36 9.67
C VAL B 180 -9.89 -24.88 9.94
N MET B 181 -10.30 -24.16 8.89
CA MET B 181 -10.79 -22.80 9.00
C MET B 181 -12.24 -22.79 9.49
N LYS B 182 -12.54 -21.92 10.46
CA LYS B 182 -13.89 -21.81 11.01
C LYS B 182 -14.28 -20.34 11.20
N ILE B 183 -15.40 -19.95 10.59
CA ILE B 183 -15.86 -18.58 10.64
C ILE B 183 -16.44 -18.43 12.05
N ALA B 184 -16.13 -17.33 12.72
CA ALA B 184 -16.70 -17.02 14.03
C ALA B 184 -17.49 -15.72 14.02
N ASP B 185 -18.30 -15.51 15.07
CA ASP B 185 -19.07 -14.29 15.26
C ASP B 185 -19.98 -13.96 14.10
N PHE B 186 -20.73 -14.96 13.64
CA PHE B 186 -21.67 -14.76 12.56
C PHE B 186 -23.04 -14.49 13.18
N GLY B 187 -23.24 -15.00 14.39
CA GLY B 187 -24.50 -14.76 15.12
C GLY B 187 -24.46 -13.52 16.01
N LEU B 188 -23.37 -12.73 15.92
CA LEU B 188 -23.23 -11.46 16.64
C LEU B 188 -24.00 -10.36 15.90
N HIS B 194 -25.84 2.72 14.79
CA HIS B 194 -24.81 3.30 15.66
C HIS B 194 -23.42 2.66 15.50
N ILE B 195 -22.95 2.47 14.25
CA ILE B 195 -21.58 1.95 14.02
C ILE B 195 -20.57 3.08 14.20
N ASP B 196 -19.58 2.86 15.06
CA ASP B 196 -18.57 3.86 15.43
C ASP B 196 -17.30 3.62 14.58
N TYR B 197 -17.16 4.40 13.51
CA TYR B 197 -16.06 4.21 12.56
C TYR B 197 -14.63 4.45 13.11
N TYR B 198 -14.52 5.08 14.27
CA TYR B 198 -13.22 5.38 14.84
C TYR B 198 -12.75 4.34 15.86
N LYS B 199 -13.62 3.39 16.19
CA LYS B 199 -13.26 2.35 17.13
C LYS B 199 -12.25 1.44 16.46
N LYS B 200 -11.13 1.21 17.12
CA LYS B 200 -10.09 0.36 16.56
C LYS B 200 -10.12 -1.01 17.22
N THR B 201 -9.36 -1.95 16.66
CA THR B 201 -9.29 -3.29 17.21
C THR B 201 -8.15 -3.42 18.21
N THR B 202 -7.89 -4.65 18.66
CA THR B 202 -6.81 -4.91 19.61
C THR B 202 -5.44 -4.65 18.98
N ASN B 203 -5.34 -4.93 17.68
CA ASN B 203 -4.10 -4.73 16.93
C ASN B 203 -3.93 -3.33 16.37
N GLY B 204 -4.93 -2.48 16.58
CA GLY B 204 -4.91 -1.11 16.11
C GLY B 204 -5.40 -0.90 14.70
N ARG B 205 -6.30 -1.75 14.24
CA ARG B 205 -6.83 -1.65 12.88
C ARG B 205 -8.28 -1.18 12.86
N LEU B 206 -8.68 -0.55 11.76
CA LEU B 206 -10.03 -0.05 11.60
C LEU B 206 -10.87 -0.98 10.74
N PRO B 207 -11.99 -1.49 11.28
CA PRO B 207 -12.93 -2.39 10.62
C PRO B 207 -13.53 -1.84 9.33
N VAL B 208 -13.70 -0.53 9.23
CA VAL B 208 -14.23 0.09 8.04
C VAL B 208 -13.47 -0.33 6.79
N LYS B 209 -12.18 -0.64 6.94
CA LYS B 209 -11.39 -1.08 5.76
C LYS B 209 -11.81 -2.40 5.17
N TRP B 210 -12.82 -3.02 5.75
CA TRP B 210 -13.30 -4.28 5.20
C TRP B 210 -14.74 -4.14 4.74
N MET B 211 -15.27 -2.92 4.69
CA MET B 211 -16.74 -2.78 4.39
C MET B 211 -17.00 -2.36 2.94
N ALA B 212 -18.04 -2.90 2.33
CA ALA B 212 -18.44 -2.52 1.00
C ALA B 212 -18.76 -1.02 0.94
N PRO B 213 -18.55 -0.39 -0.23
CA PRO B 213 -19.00 1.01 -0.35
C PRO B 213 -20.50 1.15 -0.09
N GLU B 214 -21.34 0.29 -0.69
CA GLU B 214 -22.79 0.39 -0.36
C GLU B 214 -23.12 0.26 1.13
N ALA B 215 -22.40 -0.59 1.87
CA ALA B 215 -22.57 -0.68 3.33
C ALA B 215 -21.99 0.53 4.04
N LEU B 216 -20.85 1.03 3.58
CA LEU B 216 -20.23 2.18 4.23
C LEU B 216 -20.99 3.48 3.97
N PHE B 217 -21.50 3.65 2.75
CA PHE B 217 -22.22 4.85 2.39
C PHE B 217 -23.73 4.69 2.47
N ASP B 218 -24.29 3.80 1.67
CA ASP B 218 -25.75 3.60 1.63
C ASP B 218 -26.36 2.74 2.75
N ARG B 219 -25.52 2.25 3.64
CA ARG B 219 -25.95 1.43 4.78
C ARG B 219 -26.73 0.21 4.29
N ILE B 220 -26.27 -0.40 3.22
CA ILE B 220 -26.92 -1.59 2.67
C ILE B 220 -26.08 -2.81 2.99
N TYR B 221 -26.66 -3.78 3.68
CA TYR B 221 -25.94 -4.99 4.03
C TYR B 221 -26.59 -6.21 3.39
N THR B 222 -25.91 -6.80 2.41
CA THR B 222 -26.43 -7.98 1.75
C THR B 222 -25.38 -9.08 1.76
N HIS B 223 -25.61 -10.11 0.97
CA HIS B 223 -24.66 -11.21 0.87
C HIS B 223 -23.52 -10.77 -0.03
N GLN B 224 -23.83 -9.87 -0.96
CA GLN B 224 -22.85 -9.35 -1.90
C GLN B 224 -21.92 -8.33 -1.24
N SER B 225 -22.36 -7.76 -0.12
CA SER B 225 -21.54 -6.81 0.63
C SER B 225 -20.49 -7.60 1.42
N ASP B 226 -20.84 -8.84 1.77
CA ASP B 226 -19.94 -9.73 2.48
C ASP B 226 -18.88 -10.22 1.48
N VAL B 227 -19.27 -10.35 0.22
CA VAL B 227 -18.34 -10.78 -0.82
C VAL B 227 -17.20 -9.77 -0.94
N TRP B 228 -17.52 -8.48 -0.87
CA TRP B 228 -16.50 -7.44 -0.93
C TRP B 228 -15.48 -7.65 0.21
N SER B 229 -16.02 -7.80 1.43
CA SER B 229 -15.23 -8.18 2.62
C SER B 229 -14.35 -9.41 2.38
N PHE B 230 -14.88 -10.39 1.64
CA PHE B 230 -14.16 -11.60 1.31
C PHE B 230 -12.94 -11.29 0.43
N GLY B 231 -13.05 -10.27 -0.42
CA GLY B 231 -11.94 -9.86 -1.28
C GLY B 231 -10.76 -9.31 -0.49
N VAL B 232 -11.08 -8.54 0.56
CA VAL B 232 -10.08 -7.96 1.43
C VAL B 232 -9.41 -9.08 2.22
N LEU B 233 -10.21 -10.08 2.62
CA LEU B 233 -9.66 -11.23 3.38
C LEU B 233 -8.71 -12.07 2.50
N LEU B 234 -9.10 -12.24 1.23
CA LEU B 234 -8.21 -12.78 0.18
C LEU B 234 -6.87 -12.06 0.12
N TRP B 235 -6.92 -10.74 0.16
CA TRP B 235 -5.74 -9.90 0.14
C TRP B 235 -4.94 -10.13 1.42
N GLU B 236 -5.64 -10.30 2.53
CA GLU B 236 -5.02 -10.54 3.82
C GLU B 236 -4.25 -11.86 3.78
N ILE B 237 -4.86 -12.86 3.16
CA ILE B 237 -4.24 -14.17 3.05
C ILE B 237 -2.99 -14.16 2.19
N PHE B 238 -3.02 -13.47 1.05
CA PHE B 238 -1.83 -13.51 0.15
C PHE B 238 -0.69 -12.54 0.57
N THR B 239 -0.94 -11.68 1.56
CA THR B 239 0.05 -10.84 2.16
C THR B 239 0.46 -11.43 3.46
N LEU B 240 0.06 -12.67 3.75
CA LEU B 240 0.36 -13.36 5.01
C LEU B 240 0.08 -12.49 6.25
N GLY B 241 -1.10 -11.92 6.32
CA GLY B 241 -1.44 -11.15 7.49
C GLY B 241 -1.08 -9.69 7.39
N GLY B 242 -1.09 -9.16 6.18
CA GLY B 242 -0.85 -7.74 5.95
C GLY B 242 -2.01 -6.91 6.44
N SER B 243 -1.74 -5.64 6.57
CA SER B 243 -2.61 -4.66 7.13
C SER B 243 -3.15 -3.72 6.03
N PRO B 244 -4.49 -3.71 5.78
CA PRO B 244 -4.99 -2.93 4.62
C PRO B 244 -4.86 -1.44 4.88
N TYR B 245 -4.52 -0.70 3.86
CA TYR B 245 -4.41 0.77 3.94
C TYR B 245 -3.63 1.33 5.19
N PRO B 246 -2.32 0.97 5.34
CA PRO B 246 -1.65 1.39 6.60
C PRO B 246 -1.51 2.87 6.69
N GLY B 247 -1.89 3.43 7.86
CA GLY B 247 -1.88 4.88 8.18
C GLY B 247 -2.97 5.76 7.55
N VAL B 248 -3.96 5.16 6.92
CA VAL B 248 -5.05 5.87 6.30
C VAL B 248 -6.19 6.07 7.25
N PRO B 249 -6.50 7.34 7.63
CA PRO B 249 -7.65 7.55 8.52
C PRO B 249 -8.99 7.42 7.78
N VAL B 250 -10.07 7.35 8.56
CA VAL B 250 -11.40 7.07 8.04
C VAL B 250 -11.87 7.95 6.88
N GLU B 251 -11.70 9.26 7.05
CA GLU B 251 -12.12 10.26 6.07
C GLU B 251 -11.34 10.14 4.78
N GLU B 252 -10.05 9.81 4.87
CA GLU B 252 -9.23 9.67 3.69
C GLU B 252 -9.63 8.39 2.96
N LEU B 253 -10.10 7.41 3.72
CA LEU B 253 -10.52 6.14 3.15
C LEU B 253 -11.75 6.37 2.28
N PHE B 254 -12.66 7.23 2.75
CA PHE B 254 -13.86 7.55 2.01
C PHE B 254 -13.46 8.12 0.66
N LYS B 255 -12.52 9.06 0.69
CA LYS B 255 -12.02 9.69 -0.52
C LYS B 255 -11.53 8.64 -1.49
N LEU B 256 -10.67 7.74 -1.00
CA LEU B 256 -10.12 6.69 -1.83
C LEU B 256 -11.21 5.87 -2.49
N LEU B 257 -12.23 5.48 -1.73
CA LEU B 257 -13.30 4.65 -2.26
C LEU B 257 -14.09 5.37 -3.35
N LYS B 258 -14.34 6.66 -3.14
CA LYS B 258 -15.08 7.46 -4.11
C LYS B 258 -14.35 7.51 -5.45
N GLU B 259 -13.04 7.66 -5.40
CA GLU B 259 -12.23 7.71 -6.60
C GLU B 259 -12.02 6.33 -7.19
N GLY B 260 -12.72 5.34 -6.66
CA GLY B 260 -12.57 3.96 -7.14
C GLY B 260 -11.19 3.42 -6.99
N HIS B 261 -10.45 3.91 -6.00
CA HIS B 261 -9.11 3.41 -5.78
C HIS B 261 -9.20 1.94 -5.40
N ARG B 262 -8.36 1.12 -6.03
CA ARG B 262 -8.33 -0.30 -5.75
C ARG B 262 -6.90 -0.65 -5.39
N MET B 263 -6.74 -1.35 -4.27
CA MET B 263 -5.42 -1.74 -3.82
C MET B 263 -4.63 -2.53 -4.86
N ASP B 264 -3.32 -2.27 -4.92
CA ASP B 264 -2.45 -2.94 -5.86
C ASP B 264 -2.31 -4.42 -5.54
N LYS B 265 -1.92 -5.17 -6.55
CA LYS B 265 -1.68 -6.59 -6.45
C LYS B 265 -0.55 -6.92 -5.53
N PRO B 266 -0.78 -7.87 -4.63
CA PRO B 266 0.36 -8.24 -3.78
C PRO B 266 1.36 -9.12 -4.52
N SER B 267 2.56 -9.23 -3.95
CA SER B 267 3.61 -10.06 -4.52
C SER B 267 3.27 -11.52 -4.23
N ASN B 268 3.79 -12.43 -5.05
CA ASN B 268 3.53 -13.86 -4.94
C ASN B 268 2.02 -14.08 -4.88
N CYS B 269 1.36 -13.66 -5.95
CA CYS B 269 -0.08 -13.78 -6.09
C CYS B 269 -0.41 -13.78 -7.57
N THR B 270 -1.10 -14.83 -8.02
CA THR B 270 -1.48 -14.98 -9.43
C THR B 270 -2.41 -13.89 -9.96
N ASN B 271 -2.40 -13.72 -11.28
CA ASN B 271 -3.23 -12.71 -11.92
C ASN B 271 -4.73 -13.04 -11.81
N GLU B 272 -5.06 -14.32 -11.75
CA GLU B 272 -6.46 -14.72 -11.64
C GLU B 272 -7.01 -14.48 -10.22
N LEU B 273 -6.15 -14.68 -9.24
CA LEU B 273 -6.51 -14.47 -7.83
C LEU B 273 -6.75 -12.96 -7.70
N TYR B 274 -5.94 -12.17 -8.39
CA TYR B 274 -6.05 -10.76 -8.19
C TYR B 274 -7.34 -10.28 -8.89
N MET B 275 -7.65 -10.95 -10.00
CA MET B 275 -8.86 -10.68 -10.74
C MET B 275 -10.00 -11.01 -9.80
N MET B 276 -9.94 -12.18 -9.17
CA MET B 276 -10.94 -12.62 -8.16
C MET B 276 -11.14 -11.53 -7.11
N MET B 277 -10.04 -10.93 -6.62
CA MET B 277 -10.18 -9.82 -5.68
C MET B 277 -10.87 -8.63 -6.30
N ARG B 278 -10.40 -8.22 -7.51
CA ARG B 278 -11.03 -7.08 -8.23
C ARG B 278 -12.50 -7.41 -8.55
N ASP B 279 -12.78 -8.65 -8.92
CA ASP B 279 -14.22 -9.07 -9.06
C ASP B 279 -15.07 -8.81 -7.78
N CYS B 280 -14.60 -9.34 -6.65
CA CYS B 280 -15.25 -9.01 -5.33
C CYS B 280 -15.32 -7.54 -5.07
N TRP B 281 -14.50 -6.72 -5.74
CA TRP B 281 -14.51 -5.27 -5.52
C TRP B 281 -15.30 -4.40 -6.52
N HIS B 282 -16.08 -5.02 -7.40
CA HIS B 282 -16.93 -4.31 -8.40
C HIS B 282 -17.82 -3.28 -7.70
N ALA B 283 -17.90 -2.05 -8.23
CA ALA B 283 -18.71 -1.00 -7.58
C ALA B 283 -20.24 -1.34 -7.50
N VAL B 284 -20.71 -2.21 -8.41
CA VAL B 284 -22.09 -2.76 -8.46
C VAL B 284 -22.23 -4.21 -7.88
N PRO B 285 -23.00 -4.34 -6.80
CA PRO B 285 -23.12 -5.64 -6.07
C PRO B 285 -23.55 -6.83 -6.92
N SER B 286 -24.49 -6.58 -7.83
CA SER B 286 -24.98 -7.60 -8.74
C SER B 286 -23.88 -8.18 -9.62
N GLN B 287 -22.92 -7.35 -10.03
CA GLN B 287 -21.80 -7.83 -10.86
C GLN B 287 -20.70 -8.57 -10.09
N ARG B 288 -20.66 -8.44 -8.74
CA ARG B 288 -19.67 -9.21 -7.92
C ARG B 288 -20.12 -10.64 -7.99
N PRO B 289 -19.17 -11.59 -7.98
CA PRO B 289 -19.60 -12.98 -7.95
C PRO B 289 -20.33 -13.34 -6.63
N THR B 290 -21.01 -14.48 -6.63
CA THR B 290 -21.65 -15.04 -5.42
C THR B 290 -20.72 -16.01 -4.68
N PHE B 291 -21.07 -16.36 -3.43
CA PHE B 291 -20.25 -17.35 -2.71
C PHE B 291 -20.31 -18.72 -3.38
N LYS B 292 -21.41 -18.98 -4.08
CA LYS B 292 -21.58 -20.20 -4.85
C LYS B 292 -20.53 -20.16 -5.96
N GLN B 293 -20.51 -19.07 -6.72
CA GLN B 293 -19.47 -18.86 -7.79
C GLN B 293 -18.00 -18.90 -7.27
N LEU B 294 -17.75 -18.26 -6.11
CA LEU B 294 -16.37 -18.28 -5.54
C LEU B 294 -15.99 -19.66 -5.14
N VAL B 295 -16.90 -20.38 -4.50
CA VAL B 295 -16.59 -21.74 -4.07
C VAL B 295 -16.19 -22.63 -5.25
N GLU B 296 -16.90 -22.49 -6.37
CA GLU B 296 -16.63 -23.27 -7.56
C GLU B 296 -15.28 -22.92 -8.17
N ASP B 297 -15.06 -21.62 -8.39
CA ASP B 297 -13.80 -21.14 -8.96
C ASP B 297 -12.61 -21.54 -8.11
N LEU B 298 -12.75 -21.37 -6.79
CA LEU B 298 -11.69 -21.72 -5.87
C LEU B 298 -11.42 -23.21 -5.85
N ASP B 299 -12.48 -24.00 -5.98
CA ASP B 299 -12.35 -25.45 -5.99
C ASP B 299 -11.44 -25.87 -7.13
N ARG B 300 -11.67 -25.32 -8.31
CA ARG B 300 -10.86 -25.64 -9.49
C ARG B 300 -9.42 -25.20 -9.29
N ILE B 301 -9.23 -23.92 -8.93
CA ILE B 301 -7.91 -23.36 -8.74
C ILE B 301 -7.02 -24.17 -7.80
N VAL B 302 -7.56 -24.63 -6.68
CA VAL B 302 -6.79 -25.41 -5.72
C VAL B 302 -6.25 -26.69 -6.36
N ALA B 303 -7.06 -27.30 -7.21
CA ALA B 303 -6.67 -28.54 -7.89
C ALA B 303 -5.60 -28.26 -8.96
N LEU B 304 -5.63 -27.06 -9.53
CA LEU B 304 -4.68 -26.65 -10.57
C LEU B 304 -3.48 -25.85 -10.05
N THR B 305 -3.30 -25.81 -8.73
CA THR B 305 -2.15 -25.08 -8.09
C THR B 305 -1.19 -26.04 -7.40
N SER B 306 0.11 -25.69 -7.41
CA SER B 306 1.19 -26.54 -6.90
C SER B 306 1.40 -26.64 -5.35
N ASN B 307 1.77 -27.84 -4.89
CA ASN B 307 2.32 -28.06 -3.54
C ASN B 307 3.85 -27.87 -3.43
#